data_5TLB
#
_entry.id   5TLB
#
_cell.length_a   86.040
_cell.length_b   62.260
_cell.length_c   38.080
_cell.angle_alpha   90.000
_cell.angle_beta   100.300
_cell.angle_gamma   90.000
#
_symmetry.space_group_name_H-M   'C 1 2 1'
#
loop_
_entity.id
_entity.type
_entity.pdbx_description
1 polymer Scabin
2 non-polymer '1,4-DIHYDRONICOTINAMIDE ADENINE DINUCLEOTIDE'
3 water water
#
_entity_poly.entity_id   1
_entity_poly.type   'polypeptide(L)'
_entity_poly.pdbx_seq_one_letter_code
;MRRRAAAVVLSLSAVLATSAATAPAQTPTATATSAKAAAPACPRFDDPVHAAADPRVDVERITPDPVWRTTCGTLYRSDS
RGPAVVFEQGFLPKDVIDGQYDIESYVLVNQPSPYVSTTYDHDLYKTWYKSGYNYYIDAPGGVDVNKTIGDRHKWADQVE
VAFPGGIRTEFVIGVCPVDKKTRTEKMSECVGNPHYEPWH
;
_entity_poly.pdbx_strand_id   A
#
# COMPACT_ATOMS: atom_id res chain seq x y z
N LYS A 36 -28.84 6.45 10.30
CA LYS A 36 -27.86 5.46 9.88
C LYS A 36 -28.06 5.05 8.43
N ALA A 37 -26.95 4.76 7.75
CA ALA A 37 -26.99 4.18 6.41
C ALA A 37 -25.97 3.05 6.35
N ALA A 38 -26.29 2.01 5.60
CA ALA A 38 -25.34 0.96 5.32
C ALA A 38 -24.50 1.36 4.11
N ALA A 39 -23.25 0.92 4.12
CA ALA A 39 -22.32 1.26 3.06
C ALA A 39 -22.66 0.53 1.76
N PRO A 40 -22.34 1.13 0.62
CA PRO A 40 -22.45 0.42 -0.67
C PRO A 40 -21.26 -0.52 -0.89
N ALA A 41 -21.35 -1.33 -1.95
CA ALA A 41 -20.24 -2.17 -2.39
C ALA A 41 -19.26 -1.38 -3.24
N CYS A 42 -18.13 -2.02 -3.62
CA CYS A 42 -17.00 -1.31 -4.25
C CYS A 42 -16.99 -1.48 -5.76
N PRO A 43 -16.56 -0.44 -6.51
CA PRO A 43 -16.35 -0.63 -7.95
C PRO A 43 -15.28 -1.66 -8.24
N ARG A 44 -15.43 -2.35 -9.37
CA ARG A 44 -14.52 -3.41 -9.80
C ARG A 44 -13.87 -3.00 -11.12
N PHE A 45 -12.55 -2.81 -11.12
CA PHE A 45 -11.81 -2.45 -12.33
C PHE A 45 -11.38 -3.71 -13.07
N ASP A 46 -11.50 -3.65 -14.40
CA ASP A 46 -11.11 -4.78 -15.23
C ASP A 46 -9.63 -5.08 -15.08
N ASP A 47 -8.81 -4.04 -15.06
CA ASP A 47 -7.36 -4.20 -14.93
C ASP A 47 -7.00 -4.38 -13.46
N PRO A 48 -6.36 -5.50 -13.08
CA PRO A 48 -6.07 -5.71 -11.66
C PRO A 48 -4.98 -4.78 -11.13
N VAL A 49 -4.19 -4.18 -12.01
CA VAL A 49 -3.14 -3.23 -11.60
C VAL A 49 -3.48 -1.86 -12.17
N HIS A 50 -4.78 -1.57 -12.26
CA HIS A 50 -5.22 -0.26 -12.71
C HIS A 50 -4.53 0.86 -11.95
N ALA A 51 -4.25 0.64 -10.65
CA ALA A 51 -3.68 1.67 -9.80
C ALA A 51 -2.17 1.85 -9.99
N ALA A 52 -1.53 1.01 -10.79
CA ALA A 52 -0.08 0.95 -10.83
C ALA A 52 0.53 2.26 -11.29
N ALA A 53 1.57 2.70 -10.59
CA ALA A 53 2.38 3.83 -11.05
C ALA A 53 3.35 3.42 -12.13
N ASP A 54 3.72 2.14 -12.17
CA ASP A 54 4.63 1.60 -13.18
C ASP A 54 3.94 0.43 -13.85
N PRO A 55 3.27 0.64 -14.99
CA PRO A 55 2.51 -0.44 -15.62
C PRO A 55 3.36 -1.50 -16.31
N ARG A 56 4.68 -1.41 -16.25
CA ARG A 56 5.50 -2.49 -16.78
C ARG A 56 5.44 -3.74 -15.91
N VAL A 57 4.77 -3.69 -14.76
CA VAL A 57 4.67 -4.86 -13.91
C VAL A 57 4.04 -6.00 -14.70
N ASP A 58 4.58 -7.20 -14.53
CA ASP A 58 4.11 -8.39 -15.25
C ASP A 58 3.30 -9.24 -14.28
N VAL A 59 1.96 -9.10 -14.35
CA VAL A 59 1.09 -9.81 -13.42
C VAL A 59 1.26 -11.32 -13.54
N GLU A 60 1.66 -11.82 -14.70
CA GLU A 60 1.81 -13.26 -14.88
C GLU A 60 2.93 -13.85 -14.01
N ARG A 61 3.88 -13.02 -13.57
CA ARG A 61 5.02 -13.51 -12.81
C ARG A 61 4.81 -13.46 -11.30
N ILE A 62 3.69 -12.87 -10.85
CA ILE A 62 3.36 -12.93 -9.44
C ILE A 62 3.20 -14.37 -9.02
N THR A 63 3.86 -14.74 -7.92
CA THR A 63 3.68 -16.04 -7.32
C THR A 63 3.49 -15.87 -5.81
N PRO A 64 2.64 -16.69 -5.17
CA PRO A 64 1.74 -17.65 -5.83
C PRO A 64 0.60 -16.91 -6.54
N ASP A 65 -0.32 -17.62 -7.16
CA ASP A 65 -1.42 -16.97 -7.84
C ASP A 65 -2.07 -15.98 -6.87
N PRO A 66 -2.19 -14.70 -7.24
CA PRO A 66 -2.63 -13.71 -6.27
C PRO A 66 -4.14 -13.75 -6.01
N VAL A 67 -4.50 -13.49 -4.76
CA VAL A 67 -5.87 -13.22 -4.38
C VAL A 67 -6.00 -11.71 -4.25
N TRP A 68 -6.75 -11.13 -5.16
CA TRP A 68 -6.85 -9.68 -5.24
C TRP A 68 -7.84 -9.15 -4.21
N ARG A 69 -7.47 -8.03 -3.61
CA ARG A 69 -8.38 -7.32 -2.73
C ARG A 69 -9.55 -6.75 -3.54
N THR A 70 -10.77 -6.96 -3.05
CA THR A 70 -11.97 -6.45 -3.72
C THR A 70 -12.67 -5.38 -2.90
N THR A 71 -12.17 -5.06 -1.72
CA THR A 71 -12.74 -3.97 -0.93
C THR A 71 -12.05 -2.66 -1.28
N CYS A 72 -12.56 -1.58 -0.70
CA CYS A 72 -12.10 -0.25 -1.08
C CYS A 72 -12.04 0.68 0.12
N GLY A 73 -11.69 0.13 1.29
CA GLY A 73 -11.45 0.94 2.46
C GLY A 73 -10.10 1.61 2.40
N THR A 74 -9.89 2.56 3.29
CA THR A 74 -8.58 3.22 3.37
C THR A 74 -7.50 2.23 3.77
N LEU A 75 -6.36 2.32 3.09
CA LEU A 75 -5.15 1.57 3.42
C LEU A 75 -4.08 2.57 3.84
N TYR A 76 -2.98 2.04 4.37
CA TYR A 76 -1.95 2.87 4.96
C TYR A 76 -0.57 2.36 4.56
N ARG A 77 0.40 3.27 4.58
CA ARG A 77 1.77 2.89 4.30
C ARG A 77 2.71 3.77 5.11
N SER A 78 3.61 3.13 5.86
CA SER A 78 4.71 3.83 6.50
C SER A 78 5.82 4.07 5.49
N ASP A 79 6.26 5.31 5.38
CA ASP A 79 7.30 5.66 4.42
C ASP A 79 8.05 6.85 5.00
N SER A 80 9.38 6.79 4.93
CA SER A 80 10.19 7.88 5.45
C SER A 80 10.26 9.06 4.49
N ARG A 81 9.82 8.91 3.25
CA ARG A 81 9.87 10.00 2.28
C ARG A 81 8.75 11.00 2.53
N GLY A 82 9.07 12.28 2.38
CA GLY A 82 8.14 13.34 2.67
C GLY A 82 7.06 13.46 1.61
N PRO A 83 5.98 14.18 1.93
CA PRO A 83 4.87 14.29 0.97
C PRO A 83 5.23 15.04 -0.30
N ALA A 84 6.17 15.98 -0.25
CA ALA A 84 6.58 16.64 -1.50
C ALA A 84 7.02 15.60 -2.52
N VAL A 85 7.69 14.56 -2.07
CA VAL A 85 8.14 13.50 -2.97
C VAL A 85 6.98 12.60 -3.36
N VAL A 86 6.28 12.05 -2.38
CA VAL A 86 5.27 11.03 -2.66
C VAL A 86 4.11 11.62 -3.45
N PHE A 87 3.69 12.85 -3.10
CA PHE A 87 2.54 13.41 -3.81
C PHE A 87 2.87 13.72 -5.27
N GLU A 88 4.14 13.99 -5.56
CA GLU A 88 4.53 14.22 -6.95
C GLU A 88 4.63 12.92 -7.74
N GLN A 89 5.28 11.91 -7.18
CA GLN A 89 5.62 10.70 -7.91
C GLN A 89 4.68 9.54 -7.68
N GLY A 90 3.82 9.62 -6.68
CA GLY A 90 3.14 8.41 -6.22
C GLY A 90 4.14 7.48 -5.52
N PHE A 91 3.69 6.24 -5.35
CA PHE A 91 4.53 5.17 -4.77
C PHE A 91 5.02 4.28 -5.90
N LEU A 92 6.27 4.48 -6.30
CA LEU A 92 6.89 3.65 -7.32
C LEU A 92 7.55 2.43 -6.69
N PRO A 93 7.45 1.26 -7.33
CA PRO A 93 8.15 0.08 -6.82
C PRO A 93 9.63 0.13 -7.16
N LYS A 94 10.42 -0.62 -6.39
CA LYS A 94 11.87 -0.53 -6.49
C LYS A 94 12.41 -1.24 -7.73
N ASP A 95 11.77 -2.33 -8.19
CA ASP A 95 12.31 -3.05 -9.35
C ASP A 95 11.21 -3.92 -9.96
N VAL A 96 10.46 -3.35 -10.91
CA VAL A 96 9.41 -4.11 -11.58
C VAL A 96 9.97 -5.09 -12.60
N ILE A 97 11.21 -4.90 -13.06
CA ILE A 97 11.78 -5.77 -14.08
C ILE A 97 12.39 -7.02 -13.45
N ASP A 98 13.38 -6.84 -12.57
CA ASP A 98 14.17 -7.94 -12.04
C ASP A 98 13.96 -8.16 -10.56
N GLY A 99 12.93 -7.57 -9.96
CA GLY A 99 12.71 -7.69 -8.54
C GLY A 99 12.10 -9.02 -8.15
N GLN A 100 11.93 -9.18 -6.84
CA GLN A 100 11.38 -10.40 -6.25
C GLN A 100 9.87 -10.44 -6.47
N TYR A 101 9.41 -11.27 -7.39
CA TYR A 101 7.97 -11.40 -7.66
C TYR A 101 7.28 -12.37 -6.73
N ASP A 102 8.02 -13.15 -5.95
CA ASP A 102 7.40 -14.11 -5.03
C ASP A 102 7.01 -13.40 -3.75
N ILE A 103 5.70 -13.42 -3.45
CA ILE A 103 5.14 -12.65 -2.35
C ILE A 103 5.80 -13.03 -1.03
N GLU A 104 5.77 -14.31 -0.68
CA GLU A 104 6.28 -14.71 0.63
C GLU A 104 7.77 -14.42 0.77
N SER A 105 8.54 -14.64 -0.29
CA SER A 105 9.96 -14.26 -0.24
C SER A 105 10.10 -12.78 0.05
N TYR A 106 9.28 -11.95 -0.59
CA TYR A 106 9.31 -10.50 -0.37
C TYR A 106 8.86 -10.16 1.05
N VAL A 107 7.81 -10.82 1.55
CA VAL A 107 7.34 -10.55 2.91
C VAL A 107 8.40 -10.96 3.92
N LEU A 108 9.01 -12.13 3.72
CA LEU A 108 9.93 -12.66 4.72
C LEU A 108 11.26 -11.92 4.69
N VAL A 109 11.78 -11.71 3.48
CA VAL A 109 13.04 -11.02 3.27
C VAL A 109 12.71 -9.85 2.37
N ASN A 110 12.55 -8.67 2.97
CA ASN A 110 12.37 -7.47 2.18
C ASN A 110 13.58 -7.32 1.25
N GLN A 111 13.30 -7.22 -0.04
CA GLN A 111 14.30 -7.02 -1.08
C GLN A 111 13.61 -6.31 -2.24
N PRO A 112 14.39 -5.72 -3.16
CA PRO A 112 13.76 -4.97 -4.25
C PRO A 112 12.77 -5.83 -5.03
N SER A 113 11.59 -5.26 -5.28
CA SER A 113 10.45 -6.03 -5.75
C SER A 113 9.58 -5.14 -6.63
N PRO A 114 8.64 -5.73 -7.36
CA PRO A 114 7.65 -4.93 -8.10
C PRO A 114 6.52 -4.38 -7.25
N TYR A 115 6.53 -4.66 -5.94
CA TYR A 115 5.42 -4.35 -5.06
C TYR A 115 5.69 -3.11 -4.22
N VAL A 116 4.63 -2.36 -3.95
CA VAL A 116 4.61 -1.38 -2.88
C VAL A 116 3.70 -1.91 -1.79
N SER A 117 4.24 -2.01 -0.58
CA SER A 117 3.50 -2.56 0.56
C SER A 117 2.62 -1.52 1.21
N THR A 118 1.41 -1.95 1.58
CA THR A 118 0.44 -1.17 2.34
C THR A 118 -0.18 -2.12 3.35
N THR A 119 -0.97 -1.56 4.26
CA THR A 119 -1.61 -2.35 5.30
C THR A 119 -3.05 -1.89 5.48
N TYR A 120 -3.90 -2.86 5.86
CA TYR A 120 -5.24 -2.55 6.36
C TYR A 120 -5.23 -1.81 7.69
N ASP A 121 -4.10 -1.84 8.40
CA ASP A 121 -4.02 -1.42 9.80
C ASP A 121 -3.55 0.03 9.90
N HIS A 122 -4.46 0.91 10.30
CA HIS A 122 -4.13 2.31 10.51
C HIS A 122 -2.95 2.50 11.45
N ASP A 123 -2.82 1.63 12.45
CA ASP A 123 -1.87 1.79 13.54
C ASP A 123 -0.55 1.05 13.32
N LEU A 124 -0.36 0.39 12.17
CA LEU A 124 0.87 -0.36 11.96
C LEU A 124 2.09 0.55 12.01
N TYR A 125 1.91 1.85 11.75
CA TYR A 125 3.04 2.78 11.81
C TYR A 125 3.70 2.79 13.18
N LYS A 126 2.97 2.41 14.23
CA LYS A 126 3.52 2.38 15.58
C LYS A 126 4.61 1.32 15.73
N THR A 127 4.68 0.35 14.82
CA THR A 127 5.71 -0.68 14.88
C THR A 127 6.96 -0.33 14.10
N TRP A 128 6.93 0.73 13.30
CA TRP A 128 8.10 1.12 12.53
C TRP A 128 9.09 1.90 13.39
N TYR A 129 10.37 1.71 13.09
CA TYR A 129 11.44 2.52 13.67
C TYR A 129 11.59 3.77 12.80
N LYS A 130 11.23 4.91 13.36
CA LYS A 130 11.41 6.21 12.71
C LYS A 130 11.02 6.15 11.23
N SER A 131 9.81 5.69 10.97
CA SER A 131 9.31 5.71 9.60
C SER A 131 8.75 7.05 9.17
N GLY A 132 8.62 7.99 10.10
CA GLY A 132 8.38 9.37 9.71
C GLY A 132 6.97 9.75 9.32
N TYR A 133 6.33 8.99 8.44
CA TYR A 133 5.00 9.34 7.93
C TYR A 133 4.10 8.13 7.82
N ASN A 134 2.82 8.35 8.06
CA ASN A 134 1.74 7.38 7.86
C ASN A 134 0.91 7.92 6.71
N TYR A 135 1.07 7.31 5.53
CA TYR A 135 0.31 7.70 4.35
C TYR A 135 -1.03 7.00 4.31
N TYR A 136 -2.03 7.72 3.79
CA TYR A 136 -3.41 7.26 3.66
C TYR A 136 -3.69 7.06 2.18
N ILE A 137 -4.23 5.89 1.83
CA ILE A 137 -4.33 5.42 0.45
C ILE A 137 -5.77 4.97 0.18
N ASP A 138 -6.31 5.37 -0.98
CA ASP A 138 -7.64 4.98 -1.43
C ASP A 138 -7.43 4.48 -2.86
N ALA A 139 -7.11 3.20 -3.01
CA ALA A 139 -6.70 2.65 -4.29
C ALA A 139 -7.44 1.35 -4.54
N PRO A 140 -7.85 1.08 -5.78
CA PRO A 140 -8.45 -0.21 -6.09
C PRO A 140 -7.40 -1.30 -6.21
N GLY A 141 -7.80 -2.49 -5.79
CA GLY A 141 -7.01 -3.69 -6.05
C GLY A 141 -5.94 -3.93 -5.01
N GLY A 142 -4.76 -4.31 -5.46
CA GLY A 142 -3.73 -4.79 -4.55
C GLY A 142 -3.88 -6.27 -4.29
N VAL A 143 -2.76 -6.92 -3.99
CA VAL A 143 -2.75 -8.33 -3.64
C VAL A 143 -2.91 -8.43 -2.13
N ASP A 144 -3.96 -9.12 -1.68
CA ASP A 144 -4.17 -9.35 -0.26
C ASP A 144 -3.19 -10.45 0.18
N VAL A 145 -2.18 -10.07 0.96
CA VAL A 145 -1.08 -10.99 1.25
C VAL A 145 -1.58 -12.21 2.01
N ASN A 146 -2.30 -11.99 3.12
CA ASN A 146 -2.71 -13.12 3.94
C ASN A 146 -3.71 -14.02 3.23
N LYS A 147 -4.56 -13.47 2.36
CA LYS A 147 -5.43 -14.34 1.57
C LYS A 147 -4.64 -15.14 0.54
N THR A 148 -3.49 -14.60 0.11
CA THR A 148 -2.69 -15.24 -0.93
C THR A 148 -1.75 -16.30 -0.36
N ILE A 149 -1.09 -16.02 0.78
CA ILE A 149 -0.11 -16.94 1.34
C ILE A 149 -0.52 -17.49 2.70
N GLY A 150 -1.76 -17.22 3.14
CA GLY A 150 -2.21 -17.65 4.45
C GLY A 150 -1.90 -16.64 5.55
N ASP A 151 -2.51 -16.87 6.71
CA ASP A 151 -2.35 -15.96 7.86
C ASP A 151 -1.52 -16.60 8.96
N ARG A 152 -0.67 -17.56 8.61
CA ARG A 152 0.17 -18.26 9.57
C ARG A 152 1.64 -17.85 9.50
N HIS A 153 2.05 -17.12 8.47
CA HIS A 153 3.45 -16.75 8.33
C HIS A 153 3.83 -15.71 9.39
N LYS A 154 5.15 -15.48 9.50
CA LYS A 154 5.67 -14.70 10.62
C LYS A 154 5.07 -13.30 10.68
N TRP A 155 4.78 -12.70 9.53
CA TRP A 155 4.35 -11.30 9.47
C TRP A 155 2.89 -11.16 9.10
N ALA A 156 2.08 -12.20 9.32
CA ALA A 156 0.64 -12.10 9.10
C ALA A 156 0.04 -10.91 9.85
N ASP A 157 0.65 -10.54 10.97
CA ASP A 157 0.17 -9.45 11.81
C ASP A 157 0.24 -8.10 11.13
N GLN A 158 0.90 -7.99 9.98
CA GLN A 158 0.98 -6.74 9.24
CA GLN A 158 0.98 -6.73 9.26
C GLN A 158 -0.22 -6.51 8.35
N VAL A 159 -1.08 -7.52 8.19
CA VAL A 159 -2.28 -7.47 7.35
C VAL A 159 -2.03 -6.63 6.10
N GLU A 160 -1.10 -7.13 5.28
CA GLU A 160 -0.53 -6.38 4.16
C GLU A 160 -1.37 -6.52 2.89
N VAL A 161 -1.36 -5.45 2.11
CA VAL A 161 -1.84 -5.45 0.73
C VAL A 161 -0.68 -4.96 -0.12
N ALA A 162 -0.22 -5.80 -1.04
CA ALA A 162 0.93 -5.52 -1.87
C ALA A 162 0.47 -5.05 -3.25
N PHE A 163 0.86 -3.84 -3.64
CA PHE A 163 0.41 -3.30 -4.92
C PHE A 163 1.45 -3.55 -6.00
N PRO A 164 1.21 -4.46 -6.94
CA PRO A 164 2.17 -4.69 -8.02
C PRO A 164 2.17 -3.51 -8.97
N GLY A 165 3.35 -2.96 -9.21
CA GLY A 165 3.46 -1.75 -9.99
C GLY A 165 3.29 -0.48 -9.20
N GLY A 166 3.07 -0.57 -7.90
CA GLY A 166 2.97 0.61 -7.08
C GLY A 166 1.59 1.26 -7.18
N ILE A 167 1.57 2.56 -6.88
CA ILE A 167 0.32 3.29 -6.66
C ILE A 167 0.47 4.72 -7.18
N ARG A 168 -0.36 5.11 -8.14
CA ARG A 168 -0.32 6.47 -8.66
C ARG A 168 -0.77 7.47 -7.59
N THR A 169 -0.26 8.71 -7.72
CA THR A 169 -0.53 9.73 -6.71
C THR A 169 -2.02 10.04 -6.58
N GLU A 170 -2.79 9.85 -7.65
CA GLU A 170 -4.22 10.13 -7.59
C GLU A 170 -4.95 9.22 -6.61
N PHE A 171 -4.31 8.14 -6.15
CA PHE A 171 -4.90 7.24 -5.17
C PHE A 171 -4.30 7.42 -3.78
N VAL A 172 -3.38 8.37 -3.59
CA VAL A 172 -2.86 8.70 -2.27
C VAL A 172 -3.70 9.84 -1.71
N ILE A 173 -4.41 9.57 -0.62
CA ILE A 173 -5.28 10.59 -0.02
C ILE A 173 -4.46 11.72 0.57
N GLY A 174 -3.44 11.37 1.36
CA GLY A 174 -2.74 12.34 2.18
C GLY A 174 -1.80 11.62 3.14
N VAL A 175 -1.37 12.32 4.17
CA VAL A 175 -0.34 11.80 5.06
C VAL A 175 -0.45 12.48 6.41
N CYS A 176 -0.04 11.77 7.46
CA CYS A 176 0.17 12.38 8.77
C CYS A 176 1.59 12.08 9.22
N PRO A 177 2.36 13.10 9.61
CA PRO A 177 3.69 12.84 10.20
C PRO A 177 3.54 12.10 11.52
N VAL A 178 4.59 11.35 11.87
CA VAL A 178 4.60 10.54 13.09
C VAL A 178 5.63 11.13 14.05
N ASP A 179 5.22 11.31 15.29
CA ASP A 179 6.16 11.70 16.35
C ASP A 179 6.89 10.45 16.83
N LYS A 180 8.21 10.46 16.65
CA LYS A 180 9.03 9.29 16.96
C LYS A 180 8.88 8.88 18.44
N LYS A 181 8.94 9.85 19.36
CA LYS A 181 9.08 9.50 20.77
C LYS A 181 7.84 8.80 21.32
N THR A 182 6.66 9.20 20.85
CA THR A 182 5.40 8.66 21.36
C THR A 182 4.74 7.70 20.39
N ARG A 183 5.22 7.59 19.17
CA ARG A 183 4.63 6.72 18.15
C ARG A 183 3.17 7.13 17.93
N THR A 184 2.95 8.42 17.80
CA THR A 184 1.61 8.99 17.53
C THR A 184 1.64 9.87 16.29
N GLU A 185 0.48 10.06 15.67
CA GLU A 185 0.38 10.98 14.53
C GLU A 185 0.29 12.42 15.02
N LYS A 186 1.00 13.33 14.33
CA LYS A 186 0.89 14.76 14.58
C LYS A 186 -0.26 15.28 13.73
N MET A 187 -1.47 15.22 14.29
CA MET A 187 -2.65 15.36 13.45
C MET A 187 -2.88 16.79 12.98
N SER A 188 -2.31 17.79 13.66
CA SER A 188 -2.40 19.16 13.14
C SER A 188 -1.45 19.40 11.98
N GLU A 189 -0.60 18.43 11.66
CA GLU A 189 0.36 18.52 10.57
C GLU A 189 0.05 17.54 9.45
N CYS A 190 -1.11 16.88 9.48
CA CYS A 190 -1.50 16.05 8.36
C CYS A 190 -1.69 16.94 7.14
N VAL A 191 -1.51 16.36 5.96
CA VAL A 191 -1.58 17.10 4.71
C VAL A 191 -2.35 16.26 3.70
N GLY A 192 -3.28 16.89 3.00
CA GLY A 192 -4.00 16.24 1.92
C GLY A 192 -3.22 16.35 0.61
N ASN A 193 -3.30 15.30 -0.18
CA ASN A 193 -2.65 15.28 -1.49
C ASN A 193 -3.48 16.06 -2.49
N PRO A 194 -2.97 17.15 -3.08
CA PRO A 194 -3.76 17.88 -4.07
C PRO A 194 -4.12 17.05 -5.28
N HIS A 195 -3.40 15.95 -5.53
CA HIS A 195 -3.65 15.10 -6.69
C HIS A 195 -4.64 13.99 -6.41
N TYR A 196 -5.08 13.82 -5.16
CA TYR A 196 -6.05 12.78 -4.85
C TYR A 196 -7.32 12.99 -5.67
N GLU A 197 -7.78 11.92 -6.31
CA GLU A 197 -9.01 11.93 -7.12
C GLU A 197 -9.96 10.88 -6.58
N PRO A 198 -10.93 11.26 -5.76
CA PRO A 198 -11.91 10.28 -5.29
C PRO A 198 -12.55 9.53 -6.46
N TRP A 199 -12.80 8.23 -6.26
CA TRP A 199 -13.39 7.40 -7.31
C TRP A 199 -14.55 6.54 -6.82
N HIS A 200 -14.96 6.67 -5.56
CA HIS A 200 -16.12 5.93 -5.08
C HIS A 200 -16.66 6.63 -3.84
#